data_1VAS
#
_entry.id   1VAS
#
_cell.length_a   118.820
_cell.length_b   118.820
_cell.length_c   36.280
_cell.angle_alpha   90.00
_cell.angle_beta   90.00
_cell.angle_gamma   120.00
#
_symmetry.space_group_name_H-M   'P 65'
#
loop_
_entity.id
_entity.type
_entity.pdbx_description
1 polymer "DNA (5'-D(*AP*TP*CP*GP*CP*GP*TP*TP*GP*CP*GP*CP*T)-3')"
2 polymer "DNA (5'-D(*TP*AP*GP*CP*GP*CP*AP*AP*CP*GP*CP*GP*A)-3')"
3 polymer 'PROTEIN (T4 ENDONUCLEASE V (E.C.3.1.25.1))'
4 water water
#
loop_
_entity_poly.entity_id
_entity_poly.type
_entity_poly.pdbx_seq_one_letter_code
_entity_poly.pdbx_strand_id
1 'polydeoxyribonucleotide' (DA)(DT)(DC)(DG)(DC)(DG)(DT)(DT)(DG)(DC)(DG)(DC)(DT) B
2 'polydeoxyribonucleotide' (DT)(DA)(DG)(DC)(DG)(DC)(DA)(DA)(DC)(DG)(DC)(DG)(DA) C
3 'polypeptide(L)'
;TRINLTLVSELADQHLMAEYRQLPRVFGAVRKHVANGKRVRDFKISPTFILGAGHVTFFYDKLEFLRKRQIELIAECLKR
GFNIKDTTVQDISDIPQEFRGDYIPHEASIAISQARLDEKIAQRPTWYKYYGKAIYA
;
A
#
loop_
_chem_comp.id
_chem_comp.type
_chem_comp.name
_chem_comp.formula
DA DNA linking 2'-DEOXYADENOSINE-5'-MONOPHOSPHATE 'C10 H14 N5 O6 P'
DC DNA linking 2'-DEOXYCYTIDINE-5'-MONOPHOSPHATE 'C9 H14 N3 O7 P'
DG DNA linking 2'-DEOXYGUANOSINE-5'-MONOPHOSPHATE 'C10 H14 N5 O7 P'
DT DNA linking THYMIDINE-5'-MONOPHOSPHATE 'C10 H15 N2 O8 P'
#
# COMPACT_ATOMS: atom_id res chain seq x y z
N THR C 1 -3.02 9.16 -2.12
CA THR C 1 -2.92 7.72 -1.70
C THR C 1 -1.43 7.37 -1.64
N ARG C 2 -1.08 6.36 -0.88
CA ARG C 2 0.31 5.98 -0.78
C ARG C 2 0.46 4.55 -0.37
N ILE C 3 1.33 3.83 -1.05
CA ILE C 3 1.60 2.45 -0.73
C ILE C 3 3.07 2.48 -0.34
N ASN C 4 3.43 1.75 0.70
CA ASN C 4 4.83 1.71 1.14
C ASN C 4 5.31 0.30 0.87
N LEU C 5 6.62 0.15 0.69
CA LEU C 5 7.22 -1.17 0.47
C LEU C 5 7.79 -1.60 1.81
N THR C 6 7.64 -0.70 2.77
CA THR C 6 8.07 -0.86 4.14
C THR C 6 7.43 -2.05 4.82
N LEU C 7 8.24 -2.74 5.61
CA LEU C 7 7.78 -3.87 6.39
C LEU C 7 6.65 -3.36 7.29
N VAL C 8 5.45 -3.93 7.18
CA VAL C 8 4.33 -3.46 8.01
C VAL C 8 4.53 -3.55 9.53
N SER C 9 5.46 -4.39 9.96
CA SER C 9 5.75 -4.58 11.38
C SER C 9 6.27 -3.35 12.09
N GLU C 10 6.98 -2.48 11.38
CA GLU C 10 7.54 -1.27 12.00
C GLU C 10 6.81 0.01 11.66
N LEU C 11 5.64 -0.13 11.03
CA LEU C 11 4.82 1.00 10.65
C LEU C 11 4.24 1.73 11.88
N ALA C 12 4.19 3.05 11.85
CA ALA C 12 3.63 3.81 12.95
C ALA C 12 2.15 3.48 12.91
N ASP C 13 1.52 3.31 14.06
CA ASP C 13 0.08 3.00 14.07
C ASP C 13 -0.71 3.82 13.04
N GLN C 14 -0.42 5.11 12.97
CA GLN C 14 -1.14 5.97 12.04
C GLN C 14 -0.85 5.60 10.57
N HIS C 15 0.42 5.34 10.28
CA HIS C 15 0.80 4.97 8.94
C HIS C 15 0.24 3.60 8.61
N LEU C 16 0.09 2.74 9.63
CA LEU C 16 -0.50 1.40 9.43
C LEU C 16 -1.98 1.51 9.04
N MET C 17 -2.73 2.36 9.74
CA MET C 17 -4.16 2.56 9.46
C MET C 17 -4.34 3.23 8.11
N ALA C 18 -3.63 4.31 7.86
CA ALA C 18 -3.73 4.99 6.59
C ALA C 18 -3.50 4.02 5.43
N GLU C 19 -2.61 3.05 5.60
CA GLU C 19 -2.35 2.11 4.52
C GLU C 19 -3.44 1.08 4.39
N TYR C 20 -4.01 0.68 5.52
CA TYR C 20 -5.12 -0.29 5.54
C TYR C 20 -6.27 0.21 4.66
N ARG C 21 -6.71 1.43 4.88
CA ARG C 21 -7.80 1.99 4.12
C ARG C 21 -7.40 2.58 2.77
N GLN C 22 -6.11 2.88 2.58
CA GLN C 22 -5.72 3.44 1.30
C GLN C 22 -5.40 2.40 0.24
N LEU C 23 -4.66 1.36 0.60
CA LEU C 23 -4.30 0.35 -0.38
C LEU C 23 -5.50 -0.11 -1.25
N PRO C 24 -6.64 -0.46 -0.61
CA PRO C 24 -7.79 -0.90 -1.40
C PRO C 24 -8.27 0.09 -2.45
N ARG C 25 -7.75 1.29 -2.44
CA ARG C 25 -8.16 2.28 -3.44
C ARG C 25 -7.64 1.90 -4.84
N VAL C 26 -6.59 1.09 -4.91
CA VAL C 26 -6.04 0.67 -6.19
C VAL C 26 -6.89 -0.41 -6.91
N PHE C 27 -7.36 -1.40 -6.16
CA PHE C 27 -8.17 -2.48 -6.72
C PHE C 27 -9.39 -1.88 -7.39
N GLY C 28 -9.96 -0.87 -6.74
CA GLY C 28 -11.12 -0.19 -7.29
C GLY C 28 -10.82 0.67 -8.51
N ALA C 29 -9.67 1.31 -8.55
CA ALA C 29 -9.30 2.14 -9.69
C ALA C 29 -9.14 1.26 -10.93
N VAL C 30 -8.53 0.09 -10.72
CA VAL C 30 -8.30 -0.86 -11.79
C VAL C 30 -9.61 -1.47 -12.26
N ARG C 31 -10.46 -1.90 -11.32
CA ARG C 31 -11.75 -2.48 -11.70
C ARG C 31 -12.57 -1.53 -12.59
N LYS C 32 -12.57 -0.25 -12.23
CA LYS C 32 -13.27 0.81 -12.94
C LYS C 32 -12.79 0.96 -14.38
N HIS C 33 -11.48 0.94 -14.57
CA HIS C 33 -10.91 1.02 -15.91
C HIS C 33 -11.29 -0.24 -16.65
N VAL C 34 -11.25 -1.37 -15.94
CA VAL C 34 -11.60 -2.64 -16.55
C VAL C 34 -13.05 -2.54 -17.00
N ALA C 35 -13.87 -1.85 -16.21
CA ALA C 35 -15.28 -1.67 -16.57
C ALA C 35 -15.29 -0.80 -17.82
N ASN C 36 -14.46 0.23 -17.83
CA ASN C 36 -14.35 1.11 -18.98
C ASN C 36 -13.68 0.41 -20.16
N GLY C 37 -13.29 -0.85 -19.97
CA GLY C 37 -12.67 -1.62 -21.03
C GLY C 37 -11.20 -1.35 -21.29
N LYS C 38 -10.55 -0.64 -20.37
CA LYS C 38 -9.13 -0.31 -20.51
C LYS C 38 -8.24 -1.51 -20.23
N ARG C 39 -7.10 -1.52 -20.91
CA ARG C 39 -6.09 -2.58 -20.80
C ARG C 39 -4.85 -2.00 -20.12
N VAL C 40 -4.06 -2.87 -19.51
CA VAL C 40 -2.87 -2.42 -18.78
C VAL C 40 -1.89 -1.59 -19.59
N ARG C 41 -1.86 -1.78 -20.90
CA ARG C 41 -0.93 -1.04 -21.73
C ARG C 41 -1.43 0.33 -22.13
N ASP C 42 -2.64 0.66 -21.74
CA ASP C 42 -3.17 1.97 -22.06
C ASP C 42 -2.74 2.93 -20.94
N PHE C 43 -1.85 2.45 -20.07
CA PHE C 43 -1.38 3.22 -18.94
C PHE C 43 0.11 3.39 -18.93
N LYS C 44 0.53 4.58 -18.53
CA LYS C 44 1.94 4.93 -18.45
C LYS C 44 2.55 4.46 -17.13
N ILE C 45 2.70 3.14 -17.00
CA ILE C 45 3.26 2.48 -15.81
C ILE C 45 4.76 2.68 -15.81
N SER C 46 5.29 3.11 -14.68
CA SER C 46 6.72 3.37 -14.51
C SER C 46 7.58 2.11 -14.45
N PRO C 47 8.80 2.19 -14.98
CA PRO C 47 9.67 1.01 -14.95
C PRO C 47 10.24 0.77 -13.56
N THR C 48 10.25 1.82 -12.75
CA THR C 48 10.80 1.76 -11.39
C THR C 48 9.91 2.52 -10.45
N PHE C 49 9.92 2.12 -9.18
CA PHE C 49 9.11 2.74 -8.15
C PHE C 49 9.35 4.24 -8.10
N ILE C 50 8.30 4.97 -7.74
CA ILE C 50 8.34 6.41 -7.61
C ILE C 50 7.25 6.79 -6.63
N LEU C 51 7.42 7.95 -6.02
CA LEU C 51 6.43 8.50 -5.10
C LEU C 51 5.95 9.76 -5.78
N GLY C 52 4.66 10.01 -5.73
CA GLY C 52 4.13 11.18 -6.38
C GLY C 52 3.45 10.85 -7.69
N ALA C 53 3.63 11.71 -8.69
CA ALA C 53 3.00 11.48 -9.96
C ALA C 53 3.52 10.16 -10.54
N GLY C 54 2.57 9.24 -10.78
CA GLY C 54 2.90 7.95 -11.37
C GLY C 54 2.99 6.83 -10.35
N HIS C 55 2.84 7.20 -9.10
CA HIS C 55 2.94 6.28 -7.98
C HIS C 55 1.96 5.13 -8.01
N VAL C 56 0.65 5.41 -7.87
CA VAL C 56 -0.34 4.35 -7.85
C VAL C 56 -0.47 3.63 -9.20
N THR C 57 -0.29 4.36 -10.30
CA THR C 57 -0.36 3.73 -11.63
C THR C 57 0.69 2.65 -11.63
N PHE C 58 1.83 2.93 -10.98
CA PHE C 58 2.94 1.98 -10.91
C PHE C 58 2.45 0.65 -10.45
N PHE C 59 1.51 0.67 -9.51
CA PHE C 59 0.97 -0.58 -9.00
C PHE C 59 -0.13 -1.18 -9.84
N TYR C 60 -0.41 -0.65 -11.02
CA TYR C 60 -1.50 -1.22 -11.80
C TYR C 60 -1.31 -2.62 -12.39
N ASP C 61 -0.08 -3.14 -12.39
CA ASP C 61 0.17 -4.48 -12.88
C ASP C 61 0.81 -5.31 -11.81
N LYS C 62 0.63 -4.86 -10.57
CA LYS C 62 1.16 -5.48 -9.37
C LYS C 62 0.07 -5.72 -8.34
N LEU C 63 -1.14 -6.00 -8.81
CA LEU C 63 -2.27 -6.25 -7.93
C LEU C 63 -2.05 -7.44 -6.98
N GLU C 64 -1.16 -8.35 -7.33
CA GLU C 64 -0.89 -9.45 -6.42
C GLU C 64 -0.11 -8.94 -5.21
N PHE C 65 1.03 -8.29 -5.47
CA PHE C 65 1.87 -7.71 -4.43
C PHE C 65 1.01 -7.03 -3.35
N LEU C 66 0.10 -6.17 -3.80
CA LEU C 66 -0.82 -5.46 -2.93
C LEU C 66 -1.78 -6.45 -2.27
N ARG C 67 -2.45 -7.31 -3.05
CA ARG C 67 -3.37 -8.27 -2.47
C ARG C 67 -2.69 -8.99 -1.33
N LYS C 68 -1.49 -9.48 -1.59
CA LYS C 68 -0.75 -10.16 -0.56
C LYS C 68 -0.43 -9.17 0.56
N ARG C 69 -0.05 -7.96 0.18
CA ARG C 69 0.27 -6.96 1.18
C ARG C 69 -0.94 -6.70 2.04
N GLN C 70 -2.11 -6.77 1.45
CA GLN C 70 -3.33 -6.54 2.21
C GLN C 70 -3.43 -7.54 3.34
N ILE C 71 -3.13 -8.80 3.06
CA ILE C 71 -3.17 -9.85 4.08
C ILE C 71 -2.23 -9.48 5.23
N GLU C 72 -1.03 -9.04 4.89
CA GLU C 72 -0.09 -8.65 5.92
C GLU C 72 -0.65 -7.50 6.72
N LEU C 73 -1.14 -6.46 6.04
CA LEU C 73 -1.67 -5.29 6.74
C LEU C 73 -2.79 -5.65 7.72
N ILE C 74 -3.74 -6.46 7.26
CA ILE C 74 -4.85 -6.86 8.08
C ILE C 74 -4.39 -7.53 9.37
N ALA C 75 -3.40 -8.39 9.25
CA ALA C 75 -2.84 -9.09 10.40
C ALA C 75 -2.34 -8.10 11.48
N GLU C 76 -1.42 -7.24 11.08
CA GLU C 76 -0.86 -6.26 12.00
C GLU C 76 -1.95 -5.45 12.69
N CYS C 77 -2.93 -4.98 11.94
CA CYS C 77 -4.01 -4.20 12.54
C CYS C 77 -4.65 -4.95 13.69
N LEU C 78 -4.98 -6.21 13.45
CA LEU C 78 -5.59 -7.03 14.49
C LEU C 78 -4.66 -7.19 15.68
N LYS C 79 -3.37 -7.43 15.41
CA LYS C 79 -2.39 -7.60 16.47
C LYS C 79 -2.47 -6.46 17.48
N ARG C 80 -2.46 -5.24 16.96
CA ARG C 80 -2.54 -4.05 17.79
C ARG C 80 -3.95 -3.81 18.33
N GLY C 81 -4.88 -4.67 17.93
CA GLY C 81 -6.25 -4.56 18.38
C GLY C 81 -7.08 -3.39 17.85
N PHE C 82 -6.89 -2.98 16.60
CA PHE C 82 -7.68 -1.86 16.06
C PHE C 82 -8.97 -2.44 15.52
N ASN C 83 -10.12 -2.01 16.05
CA ASN C 83 -11.41 -2.53 15.59
C ASN C 83 -11.69 -2.22 14.12
N ILE C 84 -11.11 -3.03 13.24
CA ILE C 84 -11.30 -2.88 11.81
C ILE C 84 -12.45 -3.77 11.36
N LYS C 85 -13.30 -3.23 10.51
CA LYS C 85 -14.47 -3.93 10.02
C LYS C 85 -14.20 -4.85 8.84
N ASP C 86 -13.15 -4.57 8.08
CA ASP C 86 -12.82 -5.40 6.93
C ASP C 86 -11.63 -6.31 7.17
N THR C 87 -11.89 -7.43 7.83
CA THR C 87 -10.85 -8.39 8.16
C THR C 87 -10.71 -9.43 7.06
N THR C 88 -11.38 -9.21 5.94
CA THR C 88 -11.29 -10.14 4.82
C THR C 88 -10.53 -9.57 3.63
N VAL C 89 -9.58 -10.36 3.13
CA VAL C 89 -8.79 -9.97 1.97
C VAL C 89 -9.75 -10.01 0.80
N GLN C 90 -9.87 -8.92 0.04
CA GLN C 90 -10.81 -8.89 -1.09
C GLN C 90 -10.47 -9.85 -2.23
N ASP C 91 -11.53 -10.31 -2.91
CA ASP C 91 -11.41 -11.23 -4.03
C ASP C 91 -11.18 -10.50 -5.36
N ILE C 92 -9.96 -10.60 -5.90
CA ILE C 92 -9.66 -9.94 -7.16
C ILE C 92 -9.53 -10.89 -8.34
N SER C 93 -10.24 -12.01 -8.25
CA SER C 93 -10.26 -13.03 -9.30
C SER C 93 -10.99 -12.50 -10.53
N ASP C 94 -11.80 -11.45 -10.34
CA ASP C 94 -12.59 -10.84 -11.40
C ASP C 94 -11.83 -9.87 -12.31
N ILE C 95 -10.53 -9.68 -12.07
CA ILE C 95 -9.74 -8.74 -12.88
C ILE C 95 -8.84 -9.49 -13.88
N PRO C 96 -8.73 -8.98 -15.12
CA PRO C 96 -7.88 -9.66 -16.11
C PRO C 96 -6.51 -9.90 -15.51
N GLN C 97 -6.00 -11.11 -15.68
CA GLN C 97 -4.69 -11.43 -15.11
C GLN C 97 -3.58 -10.47 -15.46
N GLU C 98 -3.66 -9.80 -16.60
CA GLU C 98 -2.61 -8.87 -16.98
C GLU C 98 -2.36 -7.79 -15.92
N PHE C 99 -3.34 -7.56 -15.05
CA PHE C 99 -3.21 -6.55 -14.02
C PHE C 99 -2.68 -7.16 -12.72
N ARG C 100 -2.87 -8.47 -12.57
CA ARG C 100 -2.48 -9.16 -11.36
C ARG C 100 -1.10 -9.82 -11.36
N GLY C 101 -0.08 -9.00 -11.28
CA GLY C 101 1.26 -9.54 -11.25
C GLY C 101 1.82 -9.31 -9.87
N ASP C 102 2.92 -9.98 -9.55
CA ASP C 102 3.57 -9.83 -8.27
C ASP C 102 4.58 -8.72 -8.54
N TYR C 103 5.37 -8.38 -7.53
CA TYR C 103 6.34 -7.29 -7.65
C TYR C 103 7.35 -7.55 -6.53
N ILE C 104 8.64 -7.62 -6.86
CA ILE C 104 9.69 -7.86 -5.85
C ILE C 104 10.42 -6.53 -5.63
N PRO C 105 10.02 -5.73 -4.62
CA PRO C 105 10.77 -4.48 -4.50
C PRO C 105 12.30 -4.63 -4.39
N HIS C 106 13.01 -3.71 -5.05
CA HIS C 106 14.47 -3.67 -5.07
C HIS C 106 14.89 -2.90 -3.81
N GLU C 107 16.02 -3.25 -3.21
CA GLU C 107 16.50 -2.58 -2.00
C GLU C 107 16.46 -1.05 -2.06
N ALA C 108 16.71 -0.49 -3.24
CA ALA C 108 16.67 0.95 -3.41
C ALA C 108 15.25 1.53 -3.41
N SER C 109 14.29 0.82 -3.98
CA SER C 109 12.94 1.32 -3.97
C SER C 109 12.44 1.39 -2.52
N ILE C 110 12.69 0.34 -1.74
CA ILE C 110 12.28 0.28 -0.33
C ILE C 110 12.82 1.44 0.55
N ALA C 111 14.11 1.71 0.42
CA ALA C 111 14.77 2.78 1.14
C ALA C 111 14.04 4.08 0.82
N ILE C 112 13.63 4.24 -0.43
CA ILE C 112 12.89 5.42 -0.84
C ILE C 112 11.57 5.47 -0.08
N SER C 113 10.91 4.32 0.03
CA SER C 113 9.65 4.23 0.75
C SER C 113 9.82 4.67 2.21
N GLN C 114 10.90 4.20 2.81
CA GLN C 114 11.23 4.54 4.19
C GLN C 114 11.34 6.05 4.33
N ALA C 115 12.27 6.63 3.59
CA ALA C 115 12.53 8.07 3.61
C ALA C 115 11.26 8.90 3.80
N ARG C 116 10.24 8.60 3.03
CA ARG C 116 8.97 9.30 3.10
C ARG C 116 8.37 9.11 4.47
N LEU C 117 8.26 7.86 4.93
CA LEU C 117 7.70 7.60 6.27
C LEU C 117 8.48 8.36 7.32
N ASP C 118 9.80 8.23 7.27
CA ASP C 118 10.68 8.88 8.21
C ASP C 118 10.73 10.39 8.22
N GLU C 119 10.13 11.03 7.23
CA GLU C 119 10.14 12.48 7.20
C GLU C 119 8.75 12.96 7.47
N LYS C 120 7.81 12.03 7.45
CA LYS C 120 6.42 12.36 7.71
C LYS C 120 6.16 12.24 9.19
N ILE C 121 6.95 11.39 9.85
CA ILE C 121 6.86 11.21 11.30
C ILE C 121 7.48 12.45 11.93
N ALA C 122 8.69 12.78 11.49
CA ALA C 122 9.41 13.95 11.97
C ALA C 122 8.59 15.26 11.95
N GLN C 123 7.58 15.33 11.08
CA GLN C 123 6.73 16.54 11.00
C GLN C 123 5.90 16.72 12.25
N ARG C 124 5.75 15.63 13.00
CA ARG C 124 4.97 15.56 14.24
C ARG C 124 5.39 14.28 14.96
N PRO C 125 6.62 14.24 15.48
CA PRO C 125 7.16 13.06 16.19
C PRO C 125 6.47 12.67 17.48
N THR C 126 6.09 13.64 18.29
CA THR C 126 5.46 13.32 19.55
C THR C 126 4.08 12.69 19.29
N TRP C 127 3.46 13.06 18.17
CA TRP C 127 2.14 12.57 17.82
C TRP C 127 2.04 11.12 17.32
N TYR C 128 3.06 10.64 16.64
CA TYR C 128 3.07 9.27 16.09
C TYR C 128 3.31 8.21 17.15
N LYS C 129 2.40 7.24 17.19
CA LYS C 129 2.51 6.16 18.15
C LYS C 129 2.77 4.79 17.54
N TYR C 130 3.38 3.92 18.33
CA TYR C 130 3.64 2.56 17.91
C TYR C 130 3.00 1.75 19.03
N TYR C 131 2.06 0.88 18.68
CA TYR C 131 1.36 0.06 19.67
C TYR C 131 0.90 0.94 20.83
N GLY C 132 0.33 2.10 20.50
CA GLY C 132 -0.20 3.03 21.50
C GLY C 132 0.75 4.04 22.14
N LYS C 133 2.06 3.81 22.04
CA LYS C 133 3.06 4.68 22.66
C LYS C 133 3.94 5.51 21.73
N ALA C 134 4.15 6.75 22.13
CA ALA C 134 4.95 7.71 21.37
C ALA C 134 6.45 7.41 21.46
N ILE C 135 6.89 6.38 20.74
CA ILE C 135 8.31 6.04 20.77
C ILE C 135 9.14 6.99 19.93
N TYR C 136 8.47 7.71 19.02
CA TYR C 136 9.16 8.67 18.16
C TYR C 136 9.07 9.99 18.92
N ALA C 137 10.21 10.66 19.06
CA ALA C 137 10.37 11.94 19.75
C ALA C 137 10.86 11.73 21.17
#